data_3ZPY
#
_entry.id   3ZPY
#
_cell.length_a   43.860
_cell.length_b   50.390
_cell.length_c   55.520
_cell.angle_alpha   69.14
_cell.angle_beta   90.02
_cell.angle_gamma   84.92
#
_symmetry.space_group_name_H-M   'P 1'
#
loop_
_entity.id
_entity.type
_entity.pdbx_description
1 polymer 'ALGINATE LYASE, FAMILY PL7'
2 non-polymer 'SODIUM ION'
3 water water
#
_entity_poly.entity_id   1
_entity_poly.type   'polypeptide(L)'
_entity_poly.pdbx_seq_one_letter_code
;GNSPASVLGITANTWKINSFIGSPGSSATYYDDITDASGISYNTYSDDNYFYTDGEWVYFKCYRGLGGSANSQNPRVELR
EMDNGNLASWTGDSGTHTMEWTVQVNQLPQDTDGDGGVLCFGQIHGPSKNSDGVEVDDVVRVQFIGEENQSSGSVKLKIS
GYVTEEQGGSQTFSGYSLDTTYNCKLVYSGGYVELFMNGSSVFRKKMEVDDLSENYFKVGNYLQSVKGASYTGSYGLVRI
KNLSVTHN
;
_entity_poly.pdbx_strand_id   A,B
#
# COMPACT_ATOMS: atom_id res chain seq x y z
N GLY A 1 9.71 8.59 -38.88
CA GLY A 1 8.84 7.52 -39.48
C GLY A 1 8.56 6.45 -38.44
N ASN A 2 9.37 6.47 -37.38
CA ASN A 2 9.38 5.38 -36.49
C ASN A 2 9.08 5.81 -35.06
N SER A 3 8.57 7.01 -34.90
CA SER A 3 8.46 7.55 -33.55
C SER A 3 7.33 6.84 -32.77
N PRO A 4 7.43 6.91 -31.44
CA PRO A 4 6.33 6.34 -30.62
C PRO A 4 4.97 7.01 -30.98
N ALA A 5 4.94 8.34 -31.12
CA ALA A 5 3.68 9.00 -31.41
C ALA A 5 3.07 8.52 -32.75
N SER A 6 3.94 8.32 -33.73
CA SER A 6 3.50 7.81 -35.06
C SER A 6 2.97 6.34 -34.96
N VAL A 7 3.71 5.46 -34.25
CA VAL A 7 3.30 4.07 -34.10
C VAL A 7 1.95 3.99 -33.39
N LEU A 8 1.75 4.80 -32.32
CA LEU A 8 0.54 4.70 -31.53
C LEU A 8 -0.61 5.51 -32.14
N GLY A 9 -0.27 6.40 -33.08
CA GLY A 9 -1.31 7.26 -33.73
C GLY A 9 -1.83 8.37 -32.85
N ILE A 10 -0.97 8.97 -32.05
CA ILE A 10 -1.38 10.04 -31.06
C ILE A 10 -0.82 11.37 -31.54
N THR A 11 -1.43 12.46 -31.10
CA THR A 11 -0.96 13.80 -31.49
C THR A 11 -1.15 14.69 -30.21
N ALA A 12 -0.55 15.87 -30.17
CA ALA A 12 -0.68 16.73 -28.98
C ALA A 12 -2.16 17.12 -28.78
N ASN A 13 -2.89 17.20 -29.86
CA ASN A 13 -4.24 17.56 -29.79
C ASN A 13 -5.20 16.44 -29.22
N THR A 14 -4.71 15.17 -29.20
CA THR A 14 -5.50 14.04 -28.65
C THR A 14 -4.97 13.47 -27.29
N TRP A 15 -3.67 13.59 -27.05
CA TRP A 15 -3.07 13.08 -25.79
C TRP A 15 -1.87 13.94 -25.42
N LYS A 16 -1.78 14.30 -24.12
CA LYS A 16 -0.61 14.91 -23.59
C LYS A 16 0.26 13.79 -22.96
N ILE A 17 1.58 13.94 -23.16
CA ILE A 17 2.55 12.93 -22.68
C ILE A 17 3.19 13.39 -21.38
N ASN A 18 2.87 12.62 -20.30
CA ASN A 18 3.53 12.81 -18.97
C ASN A 18 4.81 11.95 -18.92
N SER A 19 6.01 12.55 -18.79
CA SER A 19 7.24 11.80 -18.78
C SER A 19 8.27 12.50 -18.00
N PHE A 20 9.48 11.94 -18.02
CA PHE A 20 10.59 12.47 -17.25
C PHE A 20 11.75 12.82 -18.18
N ILE A 21 12.62 13.69 -17.73
CA ILE A 21 13.90 13.86 -18.37
C ILE A 21 15.02 13.47 -17.40
N GLY A 22 16.19 13.17 -17.95
CA GLY A 22 17.36 12.81 -17.16
C GLY A 22 17.43 11.32 -17.01
N SER A 23 18.59 10.83 -16.59
CA SER A 23 18.75 9.39 -16.31
C SER A 23 17.81 8.94 -15.19
N PRO A 24 17.32 7.70 -15.25
CA PRO A 24 16.44 7.27 -14.15
C PRO A 24 17.13 7.36 -12.77
N GLY A 25 16.43 7.90 -11.79
CA GLY A 25 17.05 8.14 -10.53
C GLY A 25 16.17 9.07 -9.73
N SER A 26 16.54 9.33 -8.49
CA SER A 26 15.69 10.17 -7.62
C SER A 26 15.69 11.64 -8.08
N SER A 27 16.70 12.01 -8.88
CA SER A 27 16.84 13.41 -9.35
C SER A 27 16.26 13.67 -10.77
N ALA A 28 15.75 12.64 -11.47
CA ALA A 28 15.06 12.87 -12.74
C ALA A 28 13.90 13.86 -12.56
N THR A 29 13.57 14.57 -13.62
CA THR A 29 12.66 15.71 -13.54
C THR A 29 11.38 15.34 -14.27
N TYR A 30 10.25 15.41 -13.56
CA TYR A 30 8.96 15.14 -14.15
C TYR A 30 8.44 16.35 -14.95
N TYR A 31 7.80 16.05 -16.06
CA TYR A 31 7.03 17.02 -16.86
C TYR A 31 5.66 16.52 -17.11
N ASP A 32 4.66 17.28 -16.68
CA ASP A 32 3.28 16.96 -17.00
C ASP A 32 3.06 17.00 -18.53
N ASP A 33 3.72 17.93 -19.21
CA ASP A 33 3.76 17.89 -20.65
C ASP A 33 5.23 17.87 -21.07
N ILE A 34 5.68 16.68 -21.51
CA ILE A 34 7.08 16.49 -21.83
C ILE A 34 7.59 17.44 -22.91
N THR A 35 6.66 17.88 -23.76
CA THR A 35 7.09 18.77 -24.81
C THR A 35 7.55 20.15 -24.29
N ASP A 36 7.24 20.45 -23.03
CA ASP A 36 7.80 21.63 -22.36
C ASP A 36 9.30 21.54 -22.11
N ALA A 37 9.84 20.31 -22.12
CA ALA A 37 11.25 20.16 -21.88
C ALA A 37 12.11 20.60 -23.03
N SER A 38 13.30 21.09 -22.73
CA SER A 38 14.22 21.54 -23.77
CA SER A 38 14.20 21.56 -23.77
C SER A 38 14.52 20.43 -24.75
N GLY A 39 14.36 20.71 -26.06
CA GLY A 39 14.78 19.74 -27.09
C GLY A 39 13.77 18.70 -27.49
N ILE A 40 12.56 18.78 -26.91
CA ILE A 40 11.56 17.72 -27.10
C ILE A 40 10.44 18.27 -27.96
N SER A 41 10.07 17.52 -29.03
CA SER A 41 8.85 17.83 -29.79
C SER A 41 8.03 16.56 -29.91
N TYR A 42 6.73 16.77 -29.89
CA TYR A 42 5.82 15.70 -29.67
C TYR A 42 6.02 14.50 -30.64
N ASN A 43 6.09 14.76 -31.99
CA ASN A 43 6.06 13.64 -32.89
C ASN A 43 7.42 12.99 -33.05
N THR A 44 8.47 13.52 -32.48
CA THR A 44 9.77 12.82 -32.42
C THR A 44 10.20 12.33 -31.04
N TYR A 45 9.43 12.65 -30.01
CA TYR A 45 9.87 12.26 -28.67
C TYR A 45 10.04 10.75 -28.49
N SER A 46 11.22 10.36 -27.97
CA SER A 46 11.50 8.97 -27.64
C SER A 46 12.67 9.02 -26.65
N ASP A 47 12.57 8.14 -25.64
CA ASP A 47 13.65 8.02 -24.72
C ASP A 47 13.61 6.57 -24.26
N ASP A 48 14.65 5.80 -24.53
CA ASP A 48 14.61 4.39 -24.16
C ASP A 48 14.53 4.13 -22.70
N ASN A 49 14.73 5.16 -21.86
CA ASN A 49 14.60 4.90 -20.44
C ASN A 49 13.10 4.91 -20.01
N TYR A 50 12.25 5.60 -20.80
CA TYR A 50 10.85 5.94 -20.37
C TYR A 50 9.74 5.64 -21.34
N PHE A 51 9.96 5.99 -22.61
CA PHE A 51 8.86 6.12 -23.57
C PHE A 51 9.45 5.87 -24.92
N TYR A 52 9.13 4.69 -25.51
CA TYR A 52 9.82 4.27 -26.71
C TYR A 52 8.97 3.30 -27.47
N THR A 53 9.45 2.94 -28.64
CA THR A 53 8.68 1.97 -29.48
C THR A 53 9.58 0.94 -30.15
N ASP A 54 8.99 -0.23 -30.49
CA ASP A 54 9.64 -1.19 -31.40
C ASP A 54 8.92 -1.31 -32.68
N GLY A 55 8.04 -0.35 -33.02
CA GLY A 55 7.26 -0.35 -34.27
C GLY A 55 5.97 -1.10 -34.12
N GLU A 56 5.77 -1.87 -33.06
CA GLU A 56 4.49 -2.52 -32.83
C GLU A 56 3.86 -1.89 -31.57
N TRP A 57 4.59 -1.88 -30.46
CA TRP A 57 4.06 -1.38 -29.19
C TRP A 57 4.76 -0.05 -28.83
N VAL A 58 4.14 0.72 -27.99
CA VAL A 58 4.77 1.86 -27.28
C VAL A 58 4.90 1.47 -25.81
N TYR A 59 6.12 1.55 -25.36
CA TYR A 59 6.52 1.10 -23.98
C TYR A 59 6.59 2.28 -23.06
N PHE A 60 5.99 2.13 -21.87
CA PHE A 60 5.99 3.13 -20.78
C PHE A 60 6.69 2.48 -19.68
N LYS A 61 7.91 3.03 -19.40
CA LYS A 61 8.80 2.43 -18.39
C LYS A 61 8.99 3.48 -17.24
N CYS A 62 8.61 3.07 -16.04
CA CYS A 62 8.67 3.99 -14.88
C CYS A 62 9.33 3.28 -13.73
N TYR A 63 9.99 4.02 -12.87
CA TYR A 63 10.88 3.42 -11.89
C TYR A 63 10.45 3.79 -10.50
N ARG A 64 10.56 2.83 -9.60
CA ARG A 64 10.41 3.08 -8.15
C ARG A 64 11.34 4.25 -7.79
N GLY A 65 10.79 5.23 -7.04
CA GLY A 65 11.66 6.35 -6.55
C GLY A 65 12.03 7.36 -7.63
N LEU A 66 11.51 7.22 -8.88
CA LEU A 66 11.85 8.13 -9.94
C LEU A 66 11.39 9.53 -9.58
N GLY A 67 12.31 10.48 -9.61
CA GLY A 67 11.95 11.84 -9.26
C GLY A 67 11.63 12.01 -7.76
N GLY A 68 11.95 11.03 -6.91
CA GLY A 68 11.53 10.98 -5.49
C GLY A 68 12.07 12.13 -4.71
N SER A 69 13.14 12.74 -5.24
CA SER A 69 13.72 13.93 -4.58
C SER A 69 12.82 15.14 -4.57
N ALA A 70 12.19 15.35 -5.72
CA ALA A 70 11.25 16.44 -5.93
C ALA A 70 9.88 16.10 -5.36
N ASN A 71 9.38 14.87 -5.58
CA ASN A 71 8.03 14.53 -5.13
C ASN A 71 7.96 13.07 -4.70
N SER A 72 7.44 12.82 -3.49
CA SER A 72 7.34 11.44 -2.97
C SER A 72 6.14 10.60 -3.44
N GLN A 73 5.16 11.24 -4.13
CA GLN A 73 3.94 10.52 -4.61
C GLN A 73 4.32 9.53 -5.67
N ASN A 74 3.36 8.68 -6.02
CA ASN A 74 3.64 7.69 -7.03
C ASN A 74 3.97 8.33 -8.40
N PRO A 75 5.05 7.86 -9.05
CA PRO A 75 5.43 8.45 -10.35
C PRO A 75 4.70 7.77 -11.54
N ARG A 76 4.78 8.44 -12.70
CA ARG A 76 4.10 7.86 -13.89
C ARG A 76 4.83 8.26 -15.13
N VAL A 77 4.64 7.48 -16.19
CA VAL A 77 4.94 7.87 -17.55
C VAL A 77 3.67 7.43 -18.30
N GLU A 78 2.91 8.36 -18.85
CA GLU A 78 1.49 8.07 -19.17
C GLU A 78 0.95 9.14 -20.14
N LEU A 79 -0.18 8.82 -20.77
CA LEU A 79 -0.90 9.79 -21.59
C LEU A 79 -2.12 10.31 -20.88
N ARG A 80 -2.40 11.59 -21.12
CA ARG A 80 -3.56 12.27 -20.59
C ARG A 80 -4.48 12.68 -21.73
N GLU A 81 -5.73 12.21 -21.73
CA GLU A 81 -6.67 12.50 -22.82
C GLU A 81 -6.86 13.97 -23.03
N MET A 82 -6.72 14.40 -24.29
CA MET A 82 -7.03 15.77 -24.73
C MET A 82 -8.24 15.79 -25.68
N ASP A 83 -8.77 16.96 -25.93
CA ASP A 83 -10.01 17.13 -26.71
C ASP A 83 -9.71 18.29 -27.67
N ASN A 84 -9.12 17.93 -28.79
CA ASN A 84 -8.77 18.94 -29.83
C ASN A 84 -8.13 20.14 -29.24
N GLY A 85 -7.12 19.78 -28.42
CA GLY A 85 -6.22 20.73 -27.81
C GLY A 85 -6.68 21.23 -26.43
N ASN A 86 -8.01 21.26 -26.19
CA ASN A 86 -8.59 21.55 -24.81
C ASN A 86 -8.26 20.32 -23.94
N LEU A 87 -8.21 20.48 -22.62
CA LEU A 87 -8.20 19.32 -21.74
C LEU A 87 -9.51 18.55 -21.97
N ALA A 88 -9.43 17.23 -22.05
CA ALA A 88 -10.68 16.44 -22.05
C ALA A 88 -11.42 16.57 -20.72
N SER A 89 -12.74 16.67 -20.78
CA SER A 89 -13.55 16.77 -19.62
C SER A 89 -14.97 16.39 -20.01
N TRP A 90 -15.41 15.23 -19.56
CA TRP A 90 -16.71 14.71 -19.99
C TRP A 90 -17.41 14.01 -18.87
N THR A 91 -18.68 13.74 -19.10
CA THR A 91 -19.62 13.39 -17.99
C THR A 91 -20.03 11.90 -18.05
N GLY A 92 -19.87 11.18 -16.97
CA GLY A 92 -20.06 9.75 -16.92
C GLY A 92 -21.50 9.27 -17.04
N ASP A 93 -22.50 10.13 -16.83
CA ASP A 93 -23.90 9.75 -17.09
C ASP A 93 -24.58 10.61 -18.19
N SER A 94 -23.78 11.17 -19.09
CA SER A 94 -24.31 11.79 -20.33
C SER A 94 -23.45 11.35 -21.50
N GLY A 95 -23.99 10.46 -22.36
CA GLY A 95 -23.19 9.88 -23.42
C GLY A 95 -22.45 8.66 -22.95
N THR A 96 -21.81 8.06 -23.91
CA THR A 96 -21.06 6.84 -23.65
C THR A 96 -19.59 7.11 -24.00
N HIS A 97 -18.69 6.73 -23.08
CA HIS A 97 -17.30 7.19 -23.17
C HIS A 97 -16.42 6.06 -22.97
N THR A 98 -15.58 5.80 -24.01
CA THR A 98 -14.81 4.48 -24.09
C THR A 98 -13.34 4.69 -24.40
N MET A 99 -12.50 3.92 -23.70
CA MET A 99 -11.12 3.84 -24.11
C MET A 99 -10.85 2.42 -24.38
N GLU A 100 -10.33 2.13 -25.61
CA GLU A 100 -9.86 0.75 -25.94
C GLU A 100 -8.35 0.77 -26.15
N TRP A 101 -7.69 -0.25 -25.61
CA TRP A 101 -6.24 -0.39 -25.82
C TRP A 101 -5.85 -1.80 -25.62
N THR A 102 -4.82 -2.19 -26.32
CA THR A 102 -4.30 -3.55 -26.24
C THR A 102 -3.04 -3.42 -25.43
N VAL A 103 -2.95 -4.25 -24.45
CA VAL A 103 -1.86 -3.99 -23.41
C VAL A 103 -1.18 -5.31 -23.04
N GLN A 104 0.09 -5.16 -22.65
CA GLN A 104 0.74 -6.13 -21.74
C GLN A 104 1.47 -5.42 -20.64
N VAL A 105 1.61 -6.14 -19.54
CA VAL A 105 2.48 -5.66 -18.46
C VAL A 105 3.64 -6.67 -18.50
N ASN A 106 4.90 -6.18 -18.62
CA ASN A 106 6.00 -7.03 -18.73
C ASN A 106 6.87 -7.12 -17.45
N GLN A 107 6.66 -6.23 -16.47
CA GLN A 107 7.49 -6.20 -15.28
C GLN A 107 6.74 -5.35 -14.27
N LEU A 108 6.75 -5.83 -13.02
CA LEU A 108 6.22 -5.05 -11.87
C LEU A 108 7.39 -4.48 -11.08
N PRO A 109 7.14 -3.32 -10.39
CA PRO A 109 8.14 -2.73 -9.53
C PRO A 109 8.07 -3.38 -8.15
N GLN A 110 8.72 -2.73 -7.14
CA GLN A 110 8.73 -3.27 -5.75
C GLN A 110 8.13 -2.16 -4.92
N ASP A 111 7.11 -2.51 -4.13
CA ASP A 111 6.50 -1.58 -3.15
C ASP A 111 7.52 -0.95 -2.25
N THR A 112 7.17 0.23 -1.69
CA THR A 112 8.01 0.90 -0.66
C THR A 112 8.34 -0.06 0.47
N ASP A 113 7.34 -0.83 0.90
CA ASP A 113 7.48 -1.76 2.01
C ASP A 113 8.18 -3.04 1.62
N GLY A 114 8.50 -3.25 0.31
CA GLY A 114 9.38 -4.34 -0.14
C GLY A 114 8.63 -5.61 -0.56
N ASP A 115 7.37 -5.70 -0.17
CA ASP A 115 6.63 -6.88 -0.37
C ASP A 115 5.49 -6.60 -1.32
N GLY A 116 5.63 -7.08 -2.50
CA GLY A 116 4.60 -6.87 -3.51
C GLY A 116 5.04 -5.84 -4.55
N GLY A 117 4.32 -5.90 -5.69
CA GLY A 117 4.55 -4.96 -6.79
C GLY A 117 3.23 -4.73 -7.45
N VAL A 118 2.99 -3.49 -7.88
CA VAL A 118 1.72 -3.15 -8.50
C VAL A 118 1.90 -1.93 -9.43
N LEU A 119 1.13 -1.88 -10.51
CA LEU A 119 1.06 -0.66 -11.24
C LEU A 119 -0.30 -0.56 -11.94
N CYS A 120 -0.60 0.68 -12.42
CA CYS A 120 -1.86 1.00 -13.08
C CYS A 120 -1.61 1.29 -14.55
N PHE A 121 -2.32 0.59 -15.39
CA PHE A 121 -2.10 0.68 -16.86
C PHE A 121 -3.33 1.34 -17.57
N GLY A 122 -4.37 1.80 -16.83
CA GLY A 122 -5.37 2.64 -17.46
C GLY A 122 -6.23 3.21 -16.34
N GLN A 123 -6.78 4.39 -16.59
CA GLN A 123 -7.55 5.12 -15.59
C GLN A 123 -8.67 5.94 -16.19
N ILE A 124 -9.68 6.23 -15.33
CA ILE A 124 -10.47 7.42 -15.50
C ILE A 124 -10.17 8.33 -14.30
N HIS A 125 -9.85 9.59 -14.60
CA HIS A 125 -9.64 10.58 -13.57
C HIS A 125 -10.76 11.58 -13.56
N GLY A 126 -11.20 11.98 -12.35
CA GLY A 126 -12.27 12.97 -12.25
C GLY A 126 -11.81 14.23 -11.56
N PRO A 127 -12.74 15.11 -11.21
CA PRO A 127 -12.43 16.36 -10.57
C PRO A 127 -11.88 16.16 -9.15
N SER A 128 -10.92 16.99 -8.73
CA SER A 128 -10.51 16.89 -7.34
C SER A 128 -11.65 17.18 -6.37
N LYS A 129 -12.56 18.09 -6.71
CA LYS A 129 -13.78 18.35 -5.94
C LYS A 129 -14.86 18.66 -6.98
N ASN A 130 -15.93 17.86 -6.95
CA ASN A 130 -17.02 18.07 -7.90
C ASN A 130 -17.95 19.20 -7.39
N SER A 131 -19.04 19.52 -8.10
CA SER A 131 -19.80 20.72 -7.62
C SER A 131 -20.47 20.56 -6.23
N ASP A 132 -20.52 19.31 -5.71
CA ASP A 132 -21.14 19.03 -4.40
C ASP A 132 -20.07 18.80 -3.33
N GLY A 133 -18.85 19.15 -3.72
CA GLY A 133 -17.68 19.01 -2.86
C GLY A 133 -17.17 17.58 -2.74
N VAL A 134 -17.56 16.65 -3.63
CA VAL A 134 -17.13 15.29 -3.42
C VAL A 134 -15.74 15.18 -4.01
N GLU A 135 -14.80 14.62 -3.22
CA GLU A 135 -13.46 14.44 -3.71
C GLU A 135 -13.40 13.16 -4.56
N VAL A 136 -13.53 13.32 -5.86
CA VAL A 136 -13.58 12.19 -6.78
C VAL A 136 -12.14 11.69 -7.06
N ASP A 137 -11.24 12.58 -7.49
CA ASP A 137 -9.86 12.23 -7.86
C ASP A 137 -9.89 11.04 -8.86
N ASP A 138 -9.06 9.98 -8.75
CA ASP A 138 -9.21 8.85 -9.67
C ASP A 138 -10.55 8.18 -9.47
N VAL A 139 -11.31 8.09 -10.59
CA VAL A 139 -12.60 7.36 -10.62
C VAL A 139 -12.32 5.86 -10.59
N VAL A 140 -11.38 5.44 -11.46
CA VAL A 140 -10.98 3.97 -11.49
C VAL A 140 -9.53 3.91 -11.91
N ARG A 141 -8.82 2.99 -11.30
CA ARG A 141 -7.49 2.56 -11.71
C ARG A 141 -7.53 1.09 -12.03
N VAL A 142 -7.08 0.71 -13.25
CA VAL A 142 -7.02 -0.68 -13.69
C VAL A 142 -5.56 -1.12 -13.50
N GLN A 143 -5.35 -2.14 -12.67
CA GLN A 143 -4.01 -2.44 -12.21
C GLN A 143 -3.76 -3.93 -12.26
N PHE A 144 -2.47 -4.30 -12.38
CA PHE A 144 -2.02 -5.64 -12.01
C PHE A 144 -1.19 -5.57 -10.71
N ILE A 145 -1.44 -6.53 -9.84
CA ILE A 145 -0.77 -6.64 -8.59
C ILE A 145 -0.17 -8.04 -8.47
N GLY A 146 1.06 -8.09 -7.98
CA GLY A 146 1.81 -9.36 -7.85
C GLY A 146 3.00 -9.24 -6.95
N GLU A 147 4.05 -9.97 -7.23
CA GLU A 147 5.20 -9.96 -6.34
C GLU A 147 6.15 -8.81 -6.69
N GLU A 148 6.98 -8.45 -5.71
CA GLU A 148 7.94 -7.36 -5.94
C GLU A 148 8.86 -7.79 -7.10
N ASN A 149 9.09 -6.83 -8.01
CA ASN A 149 9.98 -7.14 -9.19
C ASN A 149 9.54 -8.34 -10.00
N GLN A 150 8.22 -8.62 -9.98
CA GLN A 150 7.79 -9.80 -10.79
C GLN A 150 8.05 -9.62 -12.29
N SER A 151 8.67 -10.61 -12.94
CA SER A 151 9.08 -10.56 -14.30
C SER A 151 8.28 -11.49 -15.23
N SER A 152 7.47 -12.40 -14.65
CA SER A 152 6.69 -13.39 -15.48
C SER A 152 5.64 -13.94 -14.59
N GLY A 153 4.62 -14.52 -15.20
CA GLY A 153 3.67 -15.34 -14.49
C GLY A 153 2.42 -14.63 -14.06
N SER A 154 1.85 -15.24 -13.02
CA SER A 154 0.44 -14.95 -12.66
C SER A 154 0.32 -13.73 -11.79
N VAL A 155 -0.65 -12.88 -12.06
CA VAL A 155 -0.95 -11.68 -11.26
C VAL A 155 -2.45 -11.57 -11.10
N LYS A 156 -2.84 -10.62 -10.26
CA LYS A 156 -4.28 -10.32 -10.20
C LYS A 156 -4.61 -8.98 -10.83
N LEU A 157 -5.76 -8.91 -11.51
CA LEU A 157 -6.33 -7.66 -11.87
C LEU A 157 -6.84 -7.01 -10.56
N LYS A 158 -6.54 -5.72 -10.37
CA LYS A 158 -7.04 -5.01 -9.15
C LYS A 158 -7.69 -3.72 -9.63
N ILE A 159 -8.94 -3.51 -9.17
CA ILE A 159 -9.70 -2.31 -9.54
C ILE A 159 -9.75 -1.39 -8.34
N SER A 160 -9.09 -0.25 -8.50
CA SER A 160 -9.00 0.72 -7.37
C SER A 160 -9.55 2.06 -7.87
N GLY A 161 -9.30 3.16 -7.15
CA GLY A 161 -9.97 4.40 -7.40
C GLY A 161 -11.30 4.51 -6.72
N TYR A 162 -12.00 5.65 -6.93
CA TYR A 162 -13.20 6.00 -6.13
C TYR A 162 -14.29 4.91 -6.21
N VAL A 163 -14.45 4.36 -7.42
CA VAL A 163 -15.60 3.51 -7.68
C VAL A 163 -15.57 2.20 -6.83
N THR A 164 -14.39 1.78 -6.39
CA THR A 164 -14.27 0.66 -5.45
C THR A 164 -13.87 1.18 -4.07
N GLU A 165 -12.78 1.96 -4.02
CA GLU A 165 -12.28 2.35 -2.67
C GLU A 165 -13.28 3.07 -1.77
N GLU A 166 -14.15 3.90 -2.35
CA GLU A 166 -15.09 4.71 -1.59
C GLU A 166 -16.46 4.05 -1.61
N GLN A 167 -16.51 2.80 -2.15
CA GLN A 167 -17.78 2.06 -2.35
C GLN A 167 -17.57 0.56 -2.06
N GLY A 168 -17.00 0.29 -0.88
CA GLY A 168 -16.92 -1.09 -0.37
C GLY A 168 -15.58 -1.71 -0.42
N GLY A 169 -14.60 -1.05 -1.03
CA GLY A 169 -13.20 -1.55 -1.01
C GLY A 169 -12.68 -1.97 -2.35
N SER A 170 -11.37 -1.89 -2.57
CA SER A 170 -10.80 -2.33 -3.88
C SER A 170 -11.20 -3.79 -4.15
N GLN A 171 -11.21 -4.16 -5.42
CA GLN A 171 -11.66 -5.54 -5.82
C GLN A 171 -10.53 -6.15 -6.64
N THR A 172 -10.30 -7.43 -6.43
CA THR A 172 -9.28 -8.16 -7.15
C THR A 172 -9.87 -9.41 -7.83
N PHE A 173 -9.19 -9.81 -8.89
CA PHE A 173 -9.64 -10.90 -9.76
C PHE A 173 -8.45 -11.74 -10.17
N SER A 174 -8.54 -13.07 -9.90
CA SER A 174 -7.48 -13.99 -10.37
C SER A 174 -7.45 -14.31 -11.85
N GLY A 175 -6.30 -14.87 -12.28
CA GLY A 175 -6.21 -15.53 -13.58
C GLY A 175 -5.64 -14.63 -14.67
N TYR A 176 -4.93 -13.59 -14.31
CA TYR A 176 -4.25 -12.74 -15.24
C TYR A 176 -2.73 -13.09 -15.29
N SER A 177 -2.06 -12.52 -16.28
CA SER A 177 -0.59 -12.80 -16.33
C SER A 177 0.16 -11.71 -16.99
N LEU A 178 1.46 -11.67 -16.63
CA LEU A 178 2.43 -10.83 -17.30
C LEU A 178 2.74 -11.39 -18.72
N ASP A 179 3.26 -10.52 -19.59
CA ASP A 179 3.64 -10.87 -20.97
C ASP A 179 2.52 -11.53 -21.67
N THR A 180 1.30 -11.02 -21.55
CA THR A 180 0.08 -11.58 -22.07
C THR A 180 -0.78 -10.48 -22.59
N THR A 181 -1.20 -10.58 -23.83
CA THR A 181 -1.97 -9.48 -24.49
C THR A 181 -3.40 -9.54 -24.01
N TYR A 182 -3.87 -8.35 -23.61
CA TYR A 182 -5.32 -8.18 -23.27
C TYR A 182 -5.82 -7.03 -24.14
N ASN A 183 -6.95 -7.27 -24.78
CA ASN A 183 -7.70 -6.19 -25.39
C ASN A 183 -8.67 -5.56 -24.41
N CYS A 184 -8.38 -4.34 -23.93
CA CYS A 184 -9.11 -3.75 -22.79
C CYS A 184 -10.10 -2.75 -23.34
N LYS A 185 -11.28 -2.67 -22.72
CA LYS A 185 -12.29 -1.68 -23.08
C LYS A 185 -12.83 -1.13 -21.76
N LEU A 186 -12.62 0.16 -21.52
CA LEU A 186 -13.04 0.84 -20.26
C LEU A 186 -14.13 1.81 -20.65
N VAL A 187 -15.31 1.63 -20.08
CA VAL A 187 -16.52 2.37 -20.48
C VAL A 187 -17.01 3.10 -19.24
N TYR A 188 -17.43 4.34 -19.43
CA TYR A 188 -18.16 5.11 -18.41
C TYR A 188 -19.41 5.59 -19.13
N SER A 189 -20.57 5.05 -18.68
CA SER A 189 -21.85 5.29 -19.38
C SER A 189 -22.95 5.04 -18.43
N GLY A 190 -23.92 5.93 -18.41
CA GLY A 190 -25.06 5.72 -17.51
C GLY A 190 -24.74 5.77 -16.01
N GLY A 191 -23.59 6.38 -15.70
CA GLY A 191 -23.01 6.46 -14.43
C GLY A 191 -22.35 5.17 -13.96
N TYR A 192 -22.22 4.15 -14.81
CA TYR A 192 -21.48 2.94 -14.50
C TYR A 192 -20.07 3.00 -15.08
N VAL A 193 -19.07 2.56 -14.29
CA VAL A 193 -17.68 2.34 -14.74
C VAL A 193 -17.53 0.86 -14.97
N GLU A 194 -16.98 0.52 -16.16
CA GLU A 194 -16.88 -0.90 -16.58
C GLU A 194 -15.65 -1.20 -17.35
N LEU A 195 -15.04 -2.33 -16.98
CA LEU A 195 -13.91 -2.88 -17.78
C LEU A 195 -14.29 -4.16 -18.40
N PHE A 196 -14.00 -4.26 -19.72
CA PHE A 196 -14.01 -5.51 -20.45
C PHE A 196 -12.54 -5.89 -20.73
N MET A 197 -12.25 -7.23 -20.71
CA MET A 197 -10.92 -7.74 -21.00
CA MET A 197 -10.94 -7.69 -21.08
C MET A 197 -11.17 -8.87 -21.97
N ASN A 198 -10.55 -8.78 -23.18
CA ASN A 198 -10.75 -9.80 -24.19
C ASN A 198 -12.21 -10.13 -24.43
N GLY A 199 -13.02 -9.06 -24.34
CA GLY A 199 -14.47 -9.18 -24.66
C GLY A 199 -15.40 -9.56 -23.52
N SER A 200 -14.85 -9.89 -22.36
CA SER A 200 -15.68 -10.24 -21.22
C SER A 200 -15.76 -9.04 -20.24
N SER A 201 -16.98 -8.77 -19.80
CA SER A 201 -17.09 -7.76 -18.69
C SER A 201 -16.53 -8.40 -17.41
N VAL A 202 -15.45 -7.77 -16.94
CA VAL A 202 -14.83 -8.32 -15.71
C VAL A 202 -15.08 -7.49 -14.43
N PHE A 203 -15.58 -6.28 -14.66
CA PHE A 203 -15.88 -5.35 -13.51
C PHE A 203 -16.91 -4.35 -14.02
N ARG A 204 -17.96 -4.13 -13.27
CA ARG A 204 -18.92 -3.12 -13.64
C ARG A 204 -19.56 -2.63 -12.35
N LYS A 205 -19.62 -1.28 -12.14
CA LYS A 205 -20.15 -0.78 -10.88
C LYS A 205 -20.60 0.64 -11.09
N LYS A 206 -21.74 0.96 -10.47
CA LYS A 206 -22.28 2.33 -10.52
C LYS A 206 -21.50 3.28 -9.59
N MET A 207 -21.27 4.50 -10.06
CA MET A 207 -20.80 5.61 -9.22
C MET A 207 -22.03 6.20 -8.53
N GLU A 208 -22.10 6.05 -7.22
CA GLU A 208 -23.20 6.65 -6.42
C GLU A 208 -22.86 8.05 -5.99
N VAL A 209 -22.67 8.91 -6.95
CA VAL A 209 -22.28 10.34 -6.77
C VAL A 209 -23.18 11.06 -7.82
N ASP A 210 -23.72 12.23 -7.44
CA ASP A 210 -24.64 12.99 -8.32
C ASP A 210 -23.96 13.63 -9.52
N ASP A 211 -22.88 14.33 -9.29
CA ASP A 211 -22.23 15.09 -10.34
C ASP A 211 -21.07 14.25 -10.87
N LEU A 212 -21.33 13.59 -12.01
CA LEU A 212 -20.29 12.80 -12.66
C LEU A 212 -19.56 13.57 -13.78
N SER A 213 -19.49 14.90 -13.73
CA SER A 213 -18.74 15.66 -14.72
C SER A 213 -17.24 15.67 -14.46
N GLU A 214 -16.54 16.13 -15.50
CA GLU A 214 -15.10 16.49 -15.40
C GLU A 214 -14.15 15.28 -15.33
N ASN A 215 -14.47 14.24 -16.13
CA ASN A 215 -13.64 13.04 -16.29
C ASN A 215 -12.76 13.13 -17.51
N TYR A 216 -11.70 12.36 -17.43
CA TYR A 216 -10.87 12.11 -18.62
C TYR A 216 -10.11 10.78 -18.47
N PHE A 217 -9.76 10.19 -19.61
CA PHE A 217 -8.99 8.97 -19.57
C PHE A 217 -7.47 9.26 -19.42
N LYS A 218 -6.81 8.27 -18.82
CA LYS A 218 -5.30 8.23 -18.85
C LYS A 218 -4.91 6.83 -19.16
N VAL A 219 -3.72 6.67 -19.77
CA VAL A 219 -3.31 5.30 -20.08
C VAL A 219 -1.79 5.30 -20.20
N GLY A 220 -1.16 4.22 -19.73
CA GLY A 220 0.30 4.26 -19.68
C GLY A 220 0.76 3.37 -18.51
N ASN A 221 1.70 3.96 -17.73
CA ASN A 221 2.28 3.28 -16.58
C ASN A 221 2.35 4.23 -15.38
N TYR A 222 1.41 4.03 -14.47
CA TYR A 222 1.34 4.81 -13.20
C TYR A 222 1.70 3.82 -12.16
N LEU A 223 2.89 3.96 -11.55
CA LEU A 223 3.25 2.97 -10.47
C LEU A 223 2.38 3.20 -9.31
N GLN A 224 2.23 2.14 -8.51
CA GLN A 224 1.45 2.14 -7.27
C GLN A 224 2.21 1.66 -6.07
N SER A 225 1.80 2.10 -4.87
CA SER A 225 2.43 1.62 -3.64
C SER A 225 3.92 1.87 -3.52
N VAL A 226 4.38 2.95 -4.13
CA VAL A 226 5.83 3.34 -4.13
C VAL A 226 6.03 4.75 -3.62
N LYS A 227 5.04 5.20 -2.85
CA LYS A 227 5.14 6.53 -2.25
C LYS A 227 6.36 6.55 -1.35
N GLY A 228 7.22 7.56 -1.53
CA GLY A 228 8.38 7.69 -0.60
C GLY A 228 9.45 6.61 -0.81
N ALA A 229 9.28 5.81 -1.88
CA ALA A 229 10.30 4.77 -2.10
C ALA A 229 11.63 5.33 -2.64
N SER A 230 12.71 4.67 -2.28
CA SER A 230 14.00 5.01 -2.84
C SER A 230 14.16 4.41 -4.24
N TYR A 231 15.09 5.00 -5.01
CA TYR A 231 15.41 4.51 -6.32
C TYR A 231 16.42 3.39 -6.23
N THR A 232 16.07 2.23 -6.83
CA THR A 232 16.94 1.03 -6.74
C THR A 232 17.25 0.42 -8.13
N GLY A 233 16.58 0.89 -9.19
CA GLY A 233 16.66 0.24 -10.50
C GLY A 233 15.35 -0.58 -10.67
N SER A 234 14.57 -0.82 -9.62
CA SER A 234 13.29 -1.55 -9.75
C SER A 234 12.32 -0.68 -10.62
N TYR A 235 11.54 -1.31 -11.48
CA TYR A 235 10.76 -0.57 -12.48
C TYR A 235 9.50 -1.38 -12.81
N GLY A 236 8.54 -0.71 -13.43
CA GLY A 236 7.46 -1.43 -14.11
C GLY A 236 7.53 -1.09 -15.60
N LEU A 237 6.96 -2.01 -16.40
CA LEU A 237 6.98 -1.84 -17.83
C LEU A 237 5.61 -2.27 -18.39
N VAL A 238 4.97 -1.34 -19.08
CA VAL A 238 3.66 -1.50 -19.70
C VAL A 238 3.88 -1.23 -21.19
N ARG A 239 3.27 -2.02 -22.06
CA ARG A 239 3.36 -1.73 -23.49
C ARG A 239 1.92 -1.75 -24.09
N ILE A 240 1.66 -0.79 -25.02
CA ILE A 240 0.32 -0.54 -25.53
C ILE A 240 0.35 -0.48 -27.07
N LYS A 241 -0.75 -0.95 -27.63
CA LYS A 241 -1.00 -0.67 -29.06
C LYS A 241 -2.51 -0.57 -29.27
N ASN A 242 -2.97 -0.23 -30.48
CA ASN A 242 -4.37 -0.23 -30.84
C ASN A 242 -5.20 0.63 -29.86
N LEU A 243 -4.74 1.84 -29.58
CA LEU A 243 -5.36 2.76 -28.62
C LEU A 243 -6.38 3.61 -29.38
N SER A 244 -7.56 3.72 -28.80
CA SER A 244 -8.50 4.74 -29.24
C SER A 244 -9.44 5.13 -28.15
N VAL A 245 -9.92 6.37 -28.21
CA VAL A 245 -10.99 6.82 -27.33
CA VAL A 245 -11.00 6.83 -27.32
C VAL A 245 -12.20 7.20 -28.22
N THR A 246 -13.39 6.76 -27.78
CA THR A 246 -14.64 7.04 -28.50
C THR A 246 -15.61 7.71 -27.55
N HIS A 247 -16.25 8.75 -28.03
CA HIS A 247 -17.31 9.44 -27.30
C HIS A 247 -18.53 9.51 -28.16
N ASN A 248 -19.64 9.00 -27.62
CA ASN A 248 -20.91 8.97 -28.33
CA ASN A 248 -20.91 9.08 -28.35
C ASN A 248 -21.97 9.70 -27.53
N ASN B 2 8.85 -8.47 39.09
CA ASN B 2 8.45 -9.86 38.95
C ASN B 2 8.55 -10.34 37.50
N SER B 3 7.43 -10.86 36.99
CA SER B 3 7.38 -11.36 35.59
C SER B 3 6.87 -10.25 34.64
N PRO B 4 7.17 -10.39 33.35
CA PRO B 4 6.61 -9.43 32.36
C PRO B 4 5.08 -9.42 32.43
N ALA B 5 4.46 -10.58 32.44
CA ALA B 5 3.00 -10.62 32.50
C ALA B 5 2.48 -9.84 33.71
N SER B 6 3.13 -10.01 34.85
CA SER B 6 2.69 -9.27 36.09
C SER B 6 2.86 -7.76 35.96
N VAL B 7 4.01 -7.32 35.44
CA VAL B 7 4.33 -5.90 35.29
C VAL B 7 3.33 -5.27 34.34
N LEU B 8 3.02 -5.94 33.22
CA LEU B 8 2.11 -5.36 32.24
C LEU B 8 0.63 -5.56 32.64
N GLY B 9 0.31 -6.48 33.58
CA GLY B 9 -1.07 -6.74 33.96
C GLY B 9 -1.82 -7.54 32.93
N ILE B 10 -1.16 -8.47 32.27
CA ILE B 10 -1.80 -9.31 31.18
C ILE B 10 -2.02 -10.74 31.71
N THR B 11 -3.00 -11.46 31.15
CA THR B 11 -3.24 -12.83 31.55
C THR B 11 -3.57 -13.58 30.23
N ALA B 12 -3.56 -14.92 30.25
CA ALA B 12 -3.86 -15.70 29.06
C ALA B 12 -5.29 -15.40 28.58
N ASN B 13 -6.14 -15.00 29.47
CA ASN B 13 -7.53 -14.72 29.18
C ASN B 13 -7.68 -13.40 28.41
N THR B 14 -6.63 -12.56 28.49
CA THR B 14 -6.75 -11.21 27.90
C THR B 14 -5.81 -10.98 26.69
N TRP B 15 -4.67 -11.67 26.67
CA TRP B 15 -3.67 -11.50 25.56
C TRP B 15 -2.96 -12.77 25.38
N LYS B 16 -2.85 -13.20 24.14
CA LYS B 16 -2.00 -14.34 23.80
C LYS B 16 -0.60 -13.78 23.44
N ILE B 17 0.45 -14.47 23.84
CA ILE B 17 1.84 -13.98 23.58
C ILE B 17 2.44 -14.77 22.44
N ASN B 18 2.68 -14.01 21.37
CA ASN B 18 3.39 -14.51 20.14
C ASN B 18 4.92 -14.32 20.40
N SER B 19 5.69 -15.40 20.46
CA SER B 19 7.13 -15.24 20.68
C SER B 19 7.91 -16.38 20.06
N PHE B 20 9.22 -16.38 20.31
CA PHE B 20 10.14 -17.40 19.79
C PHE B 20 10.83 -18.17 20.90
N ILE B 21 11.29 -19.39 20.56
CA ILE B 21 12.19 -20.11 21.45
C ILE B 21 13.51 -20.26 20.69
N GLY B 22 14.60 -20.53 21.43
CA GLY B 22 15.93 -20.76 20.87
C GLY B 22 16.68 -19.42 20.78
N SER B 23 18.00 -19.49 20.62
CA SER B 23 18.81 -18.28 20.47
C SER B 23 18.39 -17.56 19.17
N PRO B 24 18.50 -16.23 19.17
CA PRO B 24 18.15 -15.44 17.98
C PRO B 24 18.96 -15.89 16.75
N GLY B 25 18.27 -16.13 15.64
CA GLY B 25 18.98 -16.69 14.51
C GLY B 25 17.95 -17.20 13.55
N SER B 26 18.37 -17.58 12.36
CA SER B 26 17.48 -18.21 11.36
C SER B 26 16.71 -19.45 11.82
N SER B 27 17.28 -20.20 12.77
CA SER B 27 16.68 -21.46 13.26
C SER B 27 15.78 -21.32 14.46
N ALA B 28 15.60 -20.10 14.96
CA ALA B 28 14.69 -19.92 16.05
C ALA B 28 13.26 -20.32 15.67
N THR B 29 12.52 -20.79 16.66
CA THR B 29 11.21 -21.36 16.43
C THR B 29 10.07 -20.46 16.92
N TYR B 30 9.20 -20.08 15.98
CA TYR B 30 8.07 -19.25 16.28
C TYR B 30 6.91 -20.03 16.91
N TYR B 31 6.35 -19.40 17.93
CA TYR B 31 5.06 -19.89 18.51
C TYR B 31 4.04 -18.82 18.52
N ASP B 32 2.91 -19.07 17.87
CA ASP B 32 1.80 -18.15 17.97
C ASP B 32 1.26 -18.03 19.43
N ASP B 33 1.33 -19.13 20.21
CA ASP B 33 1.07 -19.05 21.63
C ASP B 33 2.30 -19.65 22.26
N ILE B 34 3.14 -18.78 22.85
CA ILE B 34 4.42 -19.23 23.41
C ILE B 34 4.19 -20.27 24.55
N THR B 35 3.02 -20.27 25.17
CA THR B 35 2.81 -21.21 26.24
C THR B 35 2.73 -22.65 25.69
N ASP B 36 2.54 -22.82 24.38
CA ASP B 36 2.62 -24.18 23.76
C ASP B 36 4.04 -24.78 23.79
N ALA B 37 5.05 -23.94 23.99
CA ALA B 37 6.44 -24.41 23.98
C ALA B 37 6.77 -25.12 25.29
N SER B 38 7.68 -26.09 25.23
CA SER B 38 8.06 -26.84 26.43
C SER B 38 8.67 -25.93 27.49
N GLY B 39 8.15 -26.04 28.73
CA GLY B 39 8.78 -25.36 29.88
C GLY B 39 8.24 -23.95 30.11
N ILE B 40 7.23 -23.56 29.35
CA ILE B 40 6.78 -22.15 29.33
C ILE B 40 5.40 -22.10 29.95
N SER B 41 5.25 -21.21 30.98
CA SER B 41 3.91 -20.93 31.44
C SER B 41 3.72 -19.39 31.47
N TYR B 42 2.50 -18.97 31.23
CA TYR B 42 2.21 -17.62 30.92
C TYR B 42 2.76 -16.62 31.96
N ASN B 43 2.43 -16.82 33.25
CA ASN B 43 2.73 -15.79 34.22
C ASN B 43 4.22 -15.77 34.65
N THR B 44 4.98 -16.77 34.27
CA THR B 44 6.44 -16.74 34.51
C THR B 44 7.28 -16.55 33.24
N TYR B 45 6.69 -16.53 32.05
CA TYR B 45 7.51 -16.39 30.84
C TYR B 45 8.34 -15.14 30.77
N SER B 46 9.65 -15.31 30.45
CA SER B 46 10.55 -14.21 30.27
C SER B 46 11.72 -14.83 29.50
N ASP B 47 12.20 -14.07 28.55
CA ASP B 47 13.38 -14.48 27.82
C ASP B 47 14.11 -13.17 27.44
N ASP B 48 15.35 -12.96 27.88
CA ASP B 48 15.97 -11.64 27.65
C ASP B 48 16.28 -11.40 26.18
N ASN B 49 16.13 -12.45 25.36
CA ASN B 49 16.35 -12.27 23.92
C ASN B 49 15.14 -11.66 23.23
N TYR B 50 13.96 -11.81 23.86
CA TYR B 50 12.67 -11.56 23.15
C TYR B 50 11.61 -10.76 23.91
N PHE B 51 11.44 -11.08 25.18
CA PHE B 51 10.25 -10.68 25.91
C PHE B 51 10.61 -10.63 27.37
N TYR B 52 10.76 -9.42 27.94
CA TYR B 52 11.32 -9.35 29.26
C TYR B 52 10.88 -8.04 29.86
N THR B 53 11.24 -7.83 31.11
CA THR B 53 10.87 -6.64 31.85
C THR B 53 12.00 -6.10 32.71
N ASP B 54 11.92 -4.77 32.99
CA ASP B 54 12.78 -4.13 34.04
C ASP B 54 11.95 -3.65 35.19
N GLY B 55 10.67 -4.10 35.33
CA GLY B 55 9.80 -3.70 36.40
C GLY B 55 8.99 -2.46 36.04
N GLU B 56 9.32 -1.75 34.95
CA GLU B 56 8.53 -0.58 34.54
C GLU B 56 7.94 -0.94 33.15
N TRP B 57 8.76 -1.30 32.18
CA TRP B 57 8.32 -1.63 30.85
C TRP B 57 8.44 -3.12 30.58
N VAL B 58 7.70 -3.58 29.58
CA VAL B 58 7.86 -4.91 28.95
C VAL B 58 8.43 -4.64 27.58
N TYR B 59 9.56 -5.25 27.34
CA TYR B 59 10.34 -5.11 26.11
C TYR B 59 10.03 -6.29 25.18
N PHE B 60 9.85 -5.91 23.91
CA PHE B 60 9.56 -6.82 22.78
C PHE B 60 10.68 -6.63 21.83
N LYS B 61 11.56 -7.67 21.81
CA LYS B 61 12.79 -7.60 20.97
C LYS B 61 12.68 -8.65 19.83
N CYS B 62 12.79 -8.18 18.57
CA CYS B 62 12.61 -9.09 17.45
C CYS B 62 13.75 -8.80 16.47
N TYR B 63 14.14 -9.81 15.67
CA TYR B 63 15.37 -9.75 14.93
C TYR B 63 15.12 -9.89 13.43
N ARG B 64 15.86 -9.12 12.65
CA ARG B 64 15.84 -9.36 11.20
C ARG B 64 16.18 -10.82 10.95
N GLY B 65 15.41 -11.48 10.05
CA GLY B 65 15.81 -12.91 9.63
C GLY B 65 15.46 -13.92 10.74
N LEU B 66 14.82 -13.51 11.86
CA LEU B 66 14.51 -14.43 12.96
C LEU B 66 13.56 -15.53 12.48
N GLY B 67 13.96 -16.79 12.64
CA GLY B 67 13.17 -17.94 12.22
C GLY B 67 12.98 -18.00 10.73
N GLY B 68 13.87 -17.32 9.96
CA GLY B 68 13.74 -17.20 8.51
C GLY B 68 13.91 -18.51 7.81
N SER B 69 14.57 -19.47 8.46
CA SER B 69 14.66 -20.84 7.87
C SER B 69 13.30 -21.53 7.73
N ALA B 70 12.40 -21.28 8.67
CA ALA B 70 11.07 -21.94 8.68
C ALA B 70 10.06 -21.09 7.91
N ASN B 71 10.22 -19.77 8.02
CA ASN B 71 9.25 -18.85 7.42
C ASN B 71 9.87 -17.50 7.09
N SER B 72 9.83 -17.12 5.82
CA SER B 72 10.48 -15.85 5.43
C SER B 72 9.67 -14.58 5.69
N GLN B 73 8.42 -14.71 6.18
CA GLN B 73 7.55 -13.51 6.43
C GLN B 73 8.10 -12.64 7.53
N ASN B 74 7.59 -11.40 7.60
CA ASN B 74 8.04 -10.54 8.66
C ASN B 74 7.78 -11.21 10.06
N PRO B 75 8.78 -11.25 10.93
CA PRO B 75 8.64 -11.87 12.26
C PRO B 75 8.11 -10.85 13.29
N ARG B 76 7.63 -11.43 14.39
CA ARG B 76 7.08 -10.58 15.46
C ARG B 76 7.29 -11.21 16.81
N VAL B 77 7.29 -10.34 17.84
CA VAL B 77 7.15 -10.77 19.23
C VAL B 77 6.09 -9.75 19.75
N GLU B 78 4.90 -10.25 20.07
CA GLU B 78 3.72 -9.36 20.11
C GLU B 78 2.61 -10.04 20.92
N LEU B 79 1.70 -9.22 21.41
CA LEU B 79 0.46 -9.69 22.09
C LEU B 79 -0.71 -9.65 21.12
N ARG B 80 -1.56 -10.65 21.25
CA ARG B 80 -2.77 -10.76 20.43
C ARG B 80 -4.00 -10.69 21.34
N GLU B 81 -4.90 -9.73 21.15
CA GLU B 81 -6.04 -9.51 22.06
C GLU B 81 -6.92 -10.78 22.20
N MET B 82 -7.30 -11.11 23.44
CA MET B 82 -8.18 -12.22 23.72
C MET B 82 -9.39 -11.65 24.41
N ASP B 83 -10.40 -12.48 24.54
CA ASP B 83 -11.70 -12.05 25.09
C ASP B 83 -12.16 -13.13 26.02
N ASN B 84 -11.66 -13.08 27.24
CA ASN B 84 -12.03 -14.03 28.27
C ASN B 84 -11.89 -15.42 27.77
N GLY B 85 -10.70 -15.57 27.14
CA GLY B 85 -10.27 -16.87 26.66
C GLY B 85 -10.68 -17.18 25.24
N ASN B 86 -11.76 -16.57 24.72
CA ASN B 86 -12.15 -16.68 23.27
C ASN B 86 -11.15 -15.78 22.50
N LEU B 87 -10.91 -16.00 21.22
CA LEU B 87 -10.22 -14.98 20.38
C LEU B 87 -11.08 -13.70 20.44
N ALA B 88 -10.45 -12.55 20.58
CA ALA B 88 -11.20 -11.28 20.41
C ALA B 88 -11.67 -11.16 18.96
N SER B 89 -12.88 -10.66 18.80
CA SER B 89 -13.44 -10.46 17.52
C SER B 89 -14.57 -9.44 17.68
N TRP B 90 -14.37 -8.20 17.15
CA TRP B 90 -15.33 -7.11 17.43
C TRP B 90 -15.45 -6.22 16.22
N THR B 91 -16.50 -5.38 16.19
CA THR B 91 -16.94 -4.77 14.91
C THR B 91 -16.68 -3.24 14.97
N GLY B 92 -16.01 -2.71 13.98
CA GLY B 92 -15.54 -1.33 13.97
C GLY B 92 -16.60 -0.26 13.84
N ASP B 93 -17.82 -0.62 13.46
CA ASP B 93 -18.90 0.38 13.45
C ASP B 93 -20.06 -0.04 14.35
N SER B 94 -19.80 -0.94 15.36
CA SER B 94 -20.77 -1.19 16.47
C SER B 94 -20.03 -1.06 17.73
N GLY B 95 -20.32 0.01 18.49
CA GLY B 95 -19.58 0.24 19.73
C GLY B 95 -18.26 0.94 19.49
N THR B 96 -17.58 1.25 20.57
CA THR B 96 -16.31 1.96 20.49
C THR B 96 -15.23 1.06 21.09
N HIS B 97 -14.14 0.93 20.34
CA HIS B 97 -13.09 -0.08 20.70
C HIS B 97 -11.78 0.57 20.73
N THR B 98 -11.11 0.48 21.90
CA THR B 98 -9.86 1.30 22.15
C THR B 98 -8.77 0.45 22.71
N MET B 99 -7.55 0.75 22.22
CA MET B 99 -6.35 0.23 22.90
C MET B 99 -5.52 1.43 23.28
N GLU B 100 -5.16 1.49 24.54
CA GLU B 100 -4.24 2.52 25.04
C GLU B 100 -2.97 1.87 25.51
N TRP B 101 -1.84 2.48 25.14
CA TRP B 101 -0.56 1.92 25.59
C TRP B 101 0.48 2.98 25.55
N THR B 102 1.45 2.93 26.43
CA THR B 102 2.51 3.93 26.48
C THR B 102 3.71 3.20 25.91
N VAL B 103 4.36 3.86 25.03
CA VAL B 103 5.37 3.11 24.22
C VAL B 103 6.62 3.94 24.07
N GLN B 104 7.74 3.25 23.80
CA GLN B 104 8.89 3.84 23.13
C GLN B 104 9.35 2.79 22.13
N VAL B 105 10.03 3.32 21.09
CA VAL B 105 10.80 2.45 20.19
C VAL B 105 12.27 2.85 20.47
N ASN B 106 13.10 1.88 20.81
CA ASN B 106 14.45 2.15 21.19
C ASN B 106 15.47 1.79 20.05
N GLN B 107 15.10 1.05 19.01
CA GLN B 107 16.06 0.56 18.01
C GLN B 107 15.23 0.09 16.84
N LEU B 108 15.62 0.48 15.63
CA LEU B 108 15.05 -0.07 14.39
C LEU B 108 15.94 -1.12 13.80
N PRO B 109 15.31 -2.07 13.03
CA PRO B 109 16.09 -3.10 12.38
C PRO B 109 16.58 -2.54 10.99
N GLN B 110 17.03 -3.41 10.06
CA GLN B 110 17.52 -3.04 8.76
C GLN B 110 16.68 -3.85 7.76
N ASP B 111 16.06 -3.14 6.82
CA ASP B 111 15.29 -3.73 5.71
C ASP B 111 16.10 -4.82 4.98
N THR B 112 15.37 -5.74 4.36
CA THR B 112 15.95 -6.74 3.47
C THR B 112 16.93 -6.11 2.49
N ASP B 113 16.50 -5.02 1.87
CA ASP B 113 17.40 -4.35 0.95
C ASP B 113 18.47 -3.40 1.55
N GLY B 114 18.82 -3.53 2.86
CA GLY B 114 19.67 -2.50 3.50
C GLY B 114 18.74 -1.31 3.34
N ASP B 115 19.25 -0.11 3.30
CA ASP B 115 18.34 1.04 3.12
C ASP B 115 16.95 1.09 3.83
N GLY B 116 17.11 1.54 5.00
CA GLY B 116 16.03 1.90 5.92
C GLY B 116 15.68 0.82 6.95
N GLY B 117 14.87 1.24 7.96
CA GLY B 117 14.41 0.36 9.00
C GLY B 117 13.04 0.76 9.45
N VAL B 118 12.21 -0.24 9.77
CA VAL B 118 10.82 0.04 10.13
C VAL B 118 10.25 -1.08 11.00
N LEU B 119 9.42 -0.71 11.97
CA LEU B 119 8.69 -1.70 12.66
C LEU B 119 7.30 -1.20 13.08
N CYS B 120 6.43 -2.13 13.45
CA CYS B 120 5.03 -1.82 13.80
C CYS B 120 4.86 -2.12 15.29
N PHE B 121 4.43 -1.11 16.04
CA PHE B 121 4.26 -1.26 17.52
C PHE B 121 2.76 -1.30 17.98
N GLY B 122 1.80 -1.26 17.03
CA GLY B 122 0.41 -1.50 17.42
C GLY B 122 -0.39 -1.70 16.12
N GLN B 123 -1.44 -2.52 16.20
CA GLN B 123 -2.26 -2.77 15.05
C GLN B 123 -3.70 -3.10 15.42
N ILE B 124 -4.58 -2.99 14.39
CA ILE B 124 -5.80 -3.67 14.39
C ILE B 124 -5.79 -4.64 13.23
N HIS B 125 -6.09 -5.90 13.55
CA HIS B 125 -6.12 -6.92 12.49
C HIS B 125 -7.56 -7.31 12.26
N GLY B 126 -7.94 -7.51 10.99
CA GLY B 126 -9.28 -7.85 10.63
C GLY B 126 -9.34 -9.25 9.97
N PRO B 127 -10.48 -9.62 9.44
CA PRO B 127 -10.61 -10.96 8.83
C PRO B 127 -9.83 -11.15 7.50
N SER B 128 -9.30 -12.33 7.24
CA SER B 128 -8.70 -12.59 5.94
CA SER B 128 -8.70 -12.60 5.95
C SER B 128 -9.69 -12.43 4.81
N LYS B 129 -10.95 -12.77 5.06
CA LYS B 129 -12.01 -12.51 4.08
C LYS B 129 -13.23 -12.22 4.91
N ASN B 130 -13.79 -11.03 4.74
CA ASN B 130 -15.04 -10.70 5.46
C ASN B 130 -16.27 -11.36 4.80
N SER B 131 -17.49 -11.16 5.32
CA SER B 131 -18.67 -11.91 4.80
C SER B 131 -18.95 -11.59 3.34
N ASP B 132 -18.42 -10.46 2.86
CA ASP B 132 -18.55 -10.06 1.44
C ASP B 132 -17.37 -10.40 0.55
N GLY B 133 -16.42 -11.13 1.12
CA GLY B 133 -15.20 -11.61 0.43
C GLY B 133 -14.12 -10.54 0.37
N VAL B 134 -14.28 -9.44 1.11
CA VAL B 134 -13.23 -8.39 1.11
C VAL B 134 -12.03 -8.86 1.95
N GLU B 135 -10.86 -8.85 1.35
CA GLU B 135 -9.61 -9.22 2.02
C GLU B 135 -9.10 -8.07 2.90
N VAL B 136 -9.50 -8.07 4.15
CA VAL B 136 -9.19 -7.02 5.10
C VAL B 136 -7.78 -7.18 5.66
N ASP B 137 -7.47 -8.36 6.25
CA ASP B 137 -6.15 -8.56 6.85
C ASP B 137 -5.80 -7.39 7.82
N ASP B 138 -4.56 -6.83 7.83
CA ASP B 138 -4.36 -5.72 8.78
C ASP B 138 -5.23 -4.55 8.36
N VAL B 139 -5.98 -4.02 9.35
CA VAL B 139 -6.81 -2.81 9.14
C VAL B 139 -5.88 -1.58 9.28
N VAL B 140 -5.03 -1.57 10.32
CA VAL B 140 -4.07 -0.47 10.47
C VAL B 140 -2.81 -1.07 11.16
N ARG B 141 -1.65 -0.57 10.75
CA ARG B 141 -0.35 -0.80 11.38
C ARG B 141 0.23 0.57 11.71
N VAL B 142 0.50 0.77 13.01
CA VAL B 142 1.11 1.99 13.53
C VAL B 142 2.61 1.69 13.57
N GLN B 143 3.41 2.45 12.88
CA GLN B 143 4.84 2.09 12.69
C GLN B 143 5.71 3.32 12.90
N PHE B 144 6.99 3.10 13.17
CA PHE B 144 8.05 4.13 12.99
C PHE B 144 8.99 3.64 11.90
N ILE B 145 9.34 4.57 11.00
CA ILE B 145 10.21 4.24 9.89
C ILE B 145 11.36 5.23 9.94
N GLY B 146 12.55 4.72 9.70
CA GLY B 146 13.77 5.53 9.76
C GLY B 146 14.92 4.87 9.08
N GLU B 147 16.13 5.05 9.60
CA GLU B 147 17.34 4.52 8.94
C GLU B 147 17.55 3.07 9.38
N GLU B 148 18.27 2.32 8.56
CA GLU B 148 18.63 0.98 8.97
C GLU B 148 19.37 1.03 10.32
N ASN B 149 19.01 0.11 11.20
CA ASN B 149 19.70 0.00 12.51
C ASN B 149 19.73 1.31 13.25
N GLN B 150 18.71 2.13 13.03
CA GLN B 150 18.73 3.39 13.78
C GLN B 150 18.59 3.22 15.30
N SER B 151 19.43 3.93 16.07
CA SER B 151 19.51 3.76 17.48
C SER B 151 19.05 4.99 18.29
N SER B 152 18.86 6.14 17.64
CA SER B 152 18.49 7.37 18.35
C SER B 152 17.93 8.29 17.32
N GLY B 153 17.20 9.28 17.77
CA GLY B 153 16.86 10.43 16.94
C GLY B 153 15.55 10.30 16.18
N SER B 154 15.47 11.13 15.13
CA SER B 154 14.18 11.44 14.51
C SER B 154 13.73 10.31 13.57
N VAL B 155 12.45 9.98 13.58
CA VAL B 155 11.81 9.02 12.70
C VAL B 155 10.44 9.55 12.28
N LYS B 156 9.83 8.87 11.33
CA LYS B 156 8.43 9.23 10.95
C LYS B 156 7.47 8.20 11.50
N LEU B 157 6.31 8.69 11.95
CA LEU B 157 5.14 7.83 12.13
C LEU B 157 4.61 7.42 10.73
N LYS B 158 4.40 6.14 10.55
CA LYS B 158 3.85 5.62 9.26
C LYS B 158 2.62 4.81 9.55
N ILE B 159 1.51 5.14 8.86
CA ILE B 159 0.21 4.48 9.09
C ILE B 159 -0.02 3.64 7.79
N SER B 160 0.07 2.32 8.01
CA SER B 160 -0.10 1.31 6.91
C SER B 160 -1.32 0.44 7.22
N GLY B 161 -1.49 -0.63 6.46
CA GLY B 161 -2.65 -1.50 6.58
C GLY B 161 -3.77 -1.04 5.72
N TYR B 162 -4.91 -1.71 5.77
CA TYR B 162 -5.97 -1.47 4.75
C TYR B 162 -6.44 -0.02 4.72
N VAL B 163 -6.57 0.62 5.91
CA VAL B 163 -7.28 1.88 5.95
C VAL B 163 -6.51 2.97 5.17
N THR B 164 -5.20 2.81 5.00
CA THR B 164 -4.46 3.73 4.18
C THR B 164 -4.04 3.08 2.87
N GLU B 165 -3.48 1.88 2.90
CA GLU B 165 -2.93 1.24 1.66
C GLU B 165 -3.99 1.02 0.60
N GLU B 166 -5.19 0.63 0.99
CA GLU B 166 -6.27 0.37 0.06
C GLU B 166 -7.15 1.62 -0.15
N GLN B 167 -6.71 2.76 0.40
CA GLN B 167 -7.50 3.97 0.35
C GLN B 167 -6.55 5.16 0.16
N GLY B 168 -5.72 5.08 -0.86
CA GLY B 168 -4.83 6.17 -1.27
C GLY B 168 -3.38 6.06 -0.97
N GLY B 169 -2.96 5.04 -0.25
CA GLY B 169 -1.56 4.80 0.02
C GLY B 169 -1.15 5.09 1.45
N SER B 170 -0.11 4.45 1.92
CA SER B 170 0.31 4.67 3.29
CA SER B 170 0.35 4.67 3.28
C SER B 170 0.57 6.15 3.53
N GLN B 171 0.44 6.59 4.78
CA GLN B 171 0.62 8.00 5.16
C GLN B 171 1.73 8.08 6.20
N THR B 172 2.58 9.13 6.09
CA THR B 172 3.67 9.39 7.01
C THR B 172 3.55 10.81 7.59
N PHE B 173 4.12 10.88 8.80
CA PHE B 173 4.03 12.11 9.62
C PHE B 173 5.37 12.37 10.25
N SER B 174 5.89 13.57 10.09
CA SER B 174 7.17 13.95 10.72
C SER B 174 7.10 14.28 12.21
N GLY B 175 8.26 14.27 12.81
CA GLY B 175 8.41 14.87 14.15
C GLY B 175 8.38 13.94 15.33
N TYR B 176 8.64 12.65 15.09
CA TYR B 176 8.65 11.66 16.09
C TYR B 176 10.13 11.29 16.41
N SER B 177 10.32 10.54 17.46
CA SER B 177 11.67 10.15 17.81
C SER B 177 11.77 8.85 18.57
N LEU B 178 12.94 8.21 18.46
CA LEU B 178 13.27 7.06 19.26
C LEU B 178 13.52 7.47 20.73
N ASP B 179 13.41 6.49 21.64
CA ASP B 179 13.68 6.73 23.08
C ASP B 179 12.83 7.85 23.63
N THR B 180 11.58 7.93 23.18
CA THR B 180 10.68 9.00 23.58
C THR B 180 9.32 8.41 23.88
N THR B 181 8.73 8.75 25.00
CA THR B 181 7.48 8.17 25.45
C THR B 181 6.36 8.83 24.71
N TYR B 182 5.51 7.94 24.21
CA TYR B 182 4.21 8.39 23.61
C TYR B 182 3.07 7.62 24.31
N ASN B 183 2.08 8.38 24.76
CA ASN B 183 0.79 7.77 25.21
C ASN B 183 -0.11 7.61 24.01
N CYS B 184 -0.26 6.38 23.52
CA CYS B 184 -0.98 6.10 22.26
C CYS B 184 -2.41 5.67 22.59
N LYS B 185 -3.38 6.14 21.77
CA LYS B 185 -4.80 5.68 21.88
C LYS B 185 -5.27 5.38 20.44
N LEU B 186 -5.56 4.11 20.22
CA LEU B 186 -6.03 3.65 18.87
C LEU B 186 -7.43 3.28 19.01
N VAL B 187 -8.28 3.91 18.23
CA VAL B 187 -9.78 3.79 18.41
C VAL B 187 -10.30 3.27 17.07
N TYR B 188 -11.28 2.37 17.13
CA TYR B 188 -12.07 2.01 15.95
C TYR B 188 -13.54 2.18 16.44
N SER B 189 -14.25 3.17 15.82
CA SER B 189 -15.62 3.54 16.22
C SER B 189 -16.29 4.26 15.13
N GLY B 190 -17.52 3.85 14.90
CA GLY B 190 -18.28 4.51 13.79
C GLY B 190 -17.74 4.26 12.36
N GLY B 191 -16.92 3.22 12.30
CA GLY B 191 -16.24 2.84 11.13
C GLY B 191 -14.96 3.63 10.87
N TYR B 192 -14.54 4.51 11.78
CA TYR B 192 -13.30 5.31 11.62
C TYR B 192 -12.21 4.64 12.42
N VAL B 193 -11.00 4.56 11.83
CA VAL B 193 -9.75 4.13 12.56
C VAL B 193 -8.97 5.39 12.88
N GLU B 194 -8.59 5.49 14.15
CA GLU B 194 -7.95 6.74 14.61
C GLU B 194 -6.87 6.49 15.62
N LEU B 195 -5.76 7.22 15.42
CA LEU B 195 -4.66 7.22 16.40
C LEU B 195 -4.53 8.60 17.02
N PHE B 196 -4.51 8.62 18.34
CA PHE B 196 -4.09 9.76 19.18
C PHE B 196 -2.69 9.48 19.73
N MET B 197 -1.84 10.53 19.81
CA MET B 197 -0.51 10.40 20.36
C MET B 197 -0.37 11.57 21.30
N ASN B 198 -0.17 11.25 22.58
CA ASN B 198 -0.04 12.34 23.60
C ASN B 198 -1.20 13.30 23.57
N GLY B 199 -2.36 12.69 23.31
CA GLY B 199 -3.64 13.41 23.35
C GLY B 199 -4.10 14.13 22.09
N SER B 200 -3.26 14.10 21.06
CA SER B 200 -3.59 14.76 19.80
C SER B 200 -4.03 13.70 18.78
N SER B 201 -5.13 13.93 18.09
CA SER B 201 -5.47 13.07 16.94
C SER B 201 -4.46 13.31 15.82
N VAL B 202 -3.70 12.25 15.53
CA VAL B 202 -2.70 12.43 14.46
C VAL B 202 -3.04 11.73 13.15
N PHE B 203 -4.07 10.89 13.22
CA PHE B 203 -4.51 10.13 12.03
C PHE B 203 -5.97 9.76 12.30
N ARG B 204 -6.83 9.96 11.34
CA ARG B 204 -8.26 9.49 11.49
C ARG B 204 -8.78 9.27 10.10
N LYS B 205 -9.36 8.10 9.82
CA LYS B 205 -9.83 7.85 8.43
C LYS B 205 -10.94 6.79 8.49
N LYS B 206 -11.98 6.94 7.68
CA LYS B 206 -13.07 5.98 7.66
C LYS B 206 -12.69 4.74 6.77
N MET B 207 -13.05 3.55 7.26
CA MET B 207 -13.07 2.35 6.46
C MET B 207 -14.28 2.35 5.56
N GLU B 208 -14.03 2.29 4.25
CA GLU B 208 -15.08 2.23 3.27
C GLU B 208 -15.28 0.81 2.78
N VAL B 209 -15.63 -0.04 3.72
CA VAL B 209 -15.92 -1.47 3.58
C VAL B 209 -17.20 -1.65 4.39
N ASP B 210 -18.12 -2.47 3.83
CA ASP B 210 -19.44 -2.61 4.51
C ASP B 210 -19.38 -3.41 5.82
N ASP B 211 -18.74 -4.57 5.78
CA ASP B 211 -18.72 -5.46 6.96
C ASP B 211 -17.41 -5.24 7.70
N LEU B 212 -17.50 -4.49 8.80
CA LEU B 212 -16.34 -4.18 9.60
C LEU B 212 -16.24 -5.12 10.82
N SER B 213 -16.76 -6.37 10.74
CA SER B 213 -16.59 -7.32 11.82
C SER B 213 -15.27 -7.99 11.85
N GLU B 214 -15.06 -8.74 12.97
CA GLU B 214 -13.95 -9.68 13.15
C GLU B 214 -12.56 -8.98 13.28
N ASN B 215 -12.53 -7.89 14.04
CA ASN B 215 -11.27 -7.20 14.38
C ASN B 215 -10.74 -7.62 15.72
N TYR B 216 -9.44 -7.39 15.85
CA TYR B 216 -8.83 -7.48 17.18
C TYR B 216 -7.55 -6.63 17.21
N PHE B 217 -7.19 -6.19 18.40
CA PHE B 217 -5.98 -5.47 18.56
C PHE B 217 -4.72 -6.37 18.72
N LYS B 218 -3.56 -5.85 18.29
CA LYS B 218 -2.24 -6.47 18.63
C LYS B 218 -1.31 -5.40 19.01
N VAL B 219 -0.35 -5.70 19.85
CA VAL B 219 0.59 -4.69 20.29
C VAL B 219 1.90 -5.34 20.69
N GLY B 220 3.02 -4.70 20.40
CA GLY B 220 4.33 -5.36 20.62
C GLY B 220 5.32 -4.84 19.58
N ASN B 221 5.99 -5.81 18.94
CA ASN B 221 6.98 -5.49 17.97
C ASN B 221 6.90 -6.45 16.78
N TYR B 222 6.32 -5.92 15.72
CA TYR B 222 6.16 -6.63 14.44
C TYR B 222 7.07 -5.97 13.47
N LEU B 223 8.17 -6.67 13.12
CA LEU B 223 9.14 -6.04 12.17
C LEU B 223 8.48 -5.84 10.82
N GLN B 224 8.92 -4.83 10.06
CA GLN B 224 8.43 -4.66 8.70
C GLN B 224 9.60 -4.62 7.69
N SER B 225 9.31 -4.91 6.43
CA SER B 225 10.28 -4.78 5.36
C SER B 225 11.48 -5.65 5.49
N VAL B 226 11.28 -6.77 6.13
CA VAL B 226 12.37 -7.76 6.37
C VAL B 226 12.00 -9.14 5.86
N LYS B 227 11.01 -9.21 4.98
CA LYS B 227 10.68 -10.46 4.34
C LYS B 227 11.87 -11.07 3.63
N GLY B 228 12.17 -12.32 3.97
CA GLY B 228 13.27 -13.04 3.40
C GLY B 228 14.63 -12.50 3.77
N ALA B 229 14.71 -11.69 4.80
CA ALA B 229 16.02 -11.17 5.17
C ALA B 229 16.87 -12.20 5.90
N SER B 230 18.17 -12.03 5.82
CA SER B 230 19.11 -12.86 6.61
C SER B 230 19.27 -12.31 8.00
N TYR B 231 19.60 -13.22 8.93
CA TYR B 231 19.87 -12.86 10.30
C TYR B 231 21.31 -12.36 10.42
N THR B 232 21.44 -11.14 10.93
CA THR B 232 22.73 -10.44 11.05
CA THR B 232 22.72 -10.48 11.06
C THR B 232 22.98 -9.99 12.49
N GLY B 233 21.97 -10.07 13.41
CA GLY B 233 22.05 -9.46 14.75
C GLY B 233 21.24 -8.17 14.72
N SER B 234 20.92 -7.62 13.55
CA SER B 234 20.04 -6.48 13.46
C SER B 234 18.67 -6.72 14.11
N TYR B 235 18.15 -5.75 14.85
CA TYR B 235 16.94 -6.00 15.64
C TYR B 235 16.15 -4.70 15.76
N GLY B 236 14.90 -4.86 16.16
CA GLY B 236 14.11 -3.71 16.66
C GLY B 236 13.71 -3.98 18.09
N LEU B 237 13.52 -2.88 18.84
CA LEU B 237 13.18 -2.98 20.24
C LEU B 237 12.05 -1.99 20.55
N VAL B 238 10.95 -2.50 21.13
CA VAL B 238 9.78 -1.71 21.51
C VAL B 238 9.58 -2.01 23.00
N ARG B 239 9.20 -1.00 23.75
CA ARG B 239 8.87 -1.25 25.16
C ARG B 239 7.53 -0.55 25.46
N ILE B 240 6.74 -1.22 26.30
CA ILE B 240 5.37 -0.81 26.53
C ILE B 240 5.07 -0.82 28.03
N LYS B 241 4.18 0.09 28.45
CA LYS B 241 3.59 0.02 29.80
C LYS B 241 2.19 0.59 29.69
N ASN B 242 1.45 0.59 30.83
CA ASN B 242 0.15 1.22 30.89
C ASN B 242 -0.76 0.79 29.72
N LEU B 243 -0.85 -0.52 29.49
CA LEU B 243 -1.66 -1.14 28.40
C LEU B 243 -3.07 -1.43 28.91
N SER B 244 -4.06 -1.01 28.14
CA SER B 244 -5.43 -1.47 28.36
C SER B 244 -6.20 -1.46 27.07
N VAL B 245 -7.18 -2.34 26.99
CA VAL B 245 -8.18 -2.30 25.93
C VAL B 245 -9.55 -2.10 26.60
N THR B 246 -10.33 -1.23 25.93
CA THR B 246 -11.68 -0.89 26.43
C THR B 246 -12.66 -1.06 25.25
N HIS B 247 -13.78 -1.67 25.56
CA HIS B 247 -14.88 -1.85 24.61
C HIS B 247 -16.15 -1.34 25.27
N ASN B 248 -16.79 -0.39 24.58
CA ASN B 248 -18.07 0.16 25.06
C ASN B 248 -19.11 -0.04 24.05
#